data_2VDB
#
_entry.id   2VDB
#
_cell.length_a   190.507
_cell.length_b   49.462
_cell.length_c   79.933
_cell.angle_alpha   90.00
_cell.angle_beta   93.00
_cell.angle_gamma   90.00
#
_symmetry.space_group_name_H-M   'C 1 2 1'
#
loop_
_entity.id
_entity.type
_entity.pdbx_description
1 polymer 'SERUM ALBUMIN'
2 polymer 'PEPTOSTREPTOCOCCAL ALBUMIN-BINDING PROTEIN'
3 non-polymer 'DECANOIC ACID'
4 non-polymer '(2S)-2-(6-methoxynaphthalen-2-yl)propanoic acid'
#
loop_
_entity_poly.entity_id
_entity_poly.type
_entity_poly.pdbx_seq_one_letter_code
_entity_poly.pdbx_strand_id
1 'polypeptide(L)'
;EVAHRFKDLGEENFKALVLIAFAQYLQQCPFEDHVKLVNEVTEFAKTCVADESAENCDKSLHTLFGDKLCTVATLRETYG
EMADCCAKQEPERNECFLQHKDDNPNLPRLVRPEVDVMCTAFHDNEETFLKKYLYEIARRHPYFYAPELLFFAKRYKAAF
TECCQAADKAACLLPKLDELRDEGKASSAKQRLKCASLQKFGERAFKAWAVARLSQRFPKAEFAEVSKLVTDLTKVHTEC
CHGDLLECADDRADLAKYICENQDSISSKLKECCEKPLLEKSHCIAEVENDEMPADLPSLAADFVESKDVCKNYAEAKDV
FLGMFLYEYARRHPDYSVVLLLRLAKTYETTLEKCCAAADPHECYAKVFDEFKPLVEEPQNLIKQNCELFEQLGEYKFQN
ALLVRYTKKVPQVSTPTLVEVSRNLGKVGSKCCKHPEAKRMPCAEDYLSVVLNQLCVLHEKTPVSDRVTKCCTESLVNRR
PCFSALEVDETYVPKEFNAETFTFHADICTLSEKERQIKKQTALVELVKHKPKATKEQLKAVMDDFAAFVEKCCKADDKE
TCFAEEGKKLVAASQAALG
;
A
2 'polypeptide(L)' HMTIDQWLLKNAKEDAIAELKKAGITSDFYFNAINKAKTVEEVNALKNEILKAHA B
#
# COMPACT_ATOMS: atom_id res chain seq x y z
N GLU A 1 -31.52 5.05 -11.75
CA GLU A 1 -30.35 5.25 -10.84
C GLU A 1 -29.68 3.92 -10.53
N VAL A 2 -30.49 2.90 -10.29
CA VAL A 2 -29.99 1.54 -10.09
C VAL A 2 -29.91 0.87 -11.45
N ALA A 3 -30.71 1.40 -12.38
CA ALA A 3 -30.68 1.02 -13.79
C ALA A 3 -29.44 1.62 -14.44
N HIS A 4 -29.07 2.81 -13.98
CA HIS A 4 -27.82 3.48 -14.36
C HIS A 4 -26.64 2.56 -14.06
N ARG A 5 -26.57 2.05 -12.83
CA ARG A 5 -25.49 1.16 -12.39
C ARG A 5 -25.44 -0.20 -13.12
N PHE A 6 -26.61 -0.73 -13.48
CA PHE A 6 -26.69 -2.08 -14.06
C PHE A 6 -26.26 -2.15 -15.53
N LYS A 7 -26.72 -1.20 -16.34
CA LYS A 7 -26.32 -1.11 -17.74
C LYS A 7 -24.87 -0.66 -17.85
N ASP A 8 -24.46 0.15 -16.88
CA ASP A 8 -23.10 0.62 -16.80
C ASP A 8 -22.16 -0.52 -16.36
N LEU A 9 -22.61 -1.30 -15.38
CA LEU A 9 -21.78 -2.36 -14.79
C LEU A 9 -21.80 -3.68 -15.55
N GLY A 10 -22.96 -4.03 -16.09
CA GLY A 10 -23.11 -5.27 -16.85
C GLY A 10 -23.18 -6.46 -15.92
N GLU A 11 -24.41 -6.95 -15.72
CA GLU A 11 -24.76 -8.07 -14.85
C GLU A 11 -23.62 -8.67 -14.02
N GLU A 12 -22.68 -9.32 -14.68
CA GLU A 12 -21.53 -9.90 -14.00
C GLU A 12 -20.95 -8.93 -12.97
N ASN A 13 -20.59 -7.72 -13.43
CA ASN A 13 -19.90 -6.80 -12.51
C ASN A 13 -20.80 -6.35 -11.37
N PHE A 14 -22.05 -6.00 -11.70
CA PHE A 14 -23.03 -5.58 -10.71
C PHE A 14 -23.21 -6.67 -9.66
N LYS A 15 -23.47 -7.89 -10.11
CA LYS A 15 -23.65 -9.04 -9.23
C LYS A 15 -22.44 -9.32 -8.37
N ALA A 16 -21.26 -9.35 -9.00
CA ALA A 16 -20.05 -9.57 -8.24
C ALA A 16 -19.96 -8.50 -7.17
N LEU A 17 -20.28 -7.26 -7.55
CA LEU A 17 -20.13 -6.12 -6.64
C LEU A 17 -21.07 -6.19 -5.45
N VAL A 18 -22.30 -6.60 -5.70
CA VAL A 18 -23.33 -6.57 -4.68
C VAL A 18 -23.00 -7.68 -3.69
N LEU A 19 -22.64 -8.84 -4.19
CA LEU A 19 -22.20 -9.92 -3.32
C LEU A 19 -21.15 -9.41 -2.32
N ILE A 20 -20.10 -8.78 -2.85
CA ILE A 20 -19.03 -8.24 -2.03
C ILE A 20 -19.62 -7.29 -1.01
N ALA A 21 -20.43 -6.36 -1.46
CA ALA A 21 -21.04 -5.40 -0.56
C ALA A 21 -21.68 -6.08 0.68
N PHE A 22 -22.62 -6.98 0.47
CA PHE A 22 -23.26 -7.67 1.60
C PHE A 22 -22.25 -8.37 2.49
N ALA A 23 -21.26 -9.00 1.87
CA ALA A 23 -20.26 -9.75 2.61
C ALA A 23 -19.52 -8.87 3.61
N GLN A 24 -19.35 -7.60 3.27
CA GLN A 24 -18.60 -6.68 4.12
C GLN A 24 -19.45 -6.01 5.21
N TYR A 25 -20.74 -5.86 4.97
CA TYR A 25 -21.64 -5.43 6.05
C TYR A 25 -22.06 -6.63 6.90
N LEU A 26 -22.60 -7.67 6.26
CA LEU A 26 -23.07 -8.84 6.97
C LEU A 26 -21.97 -9.90 7.00
N GLN A 27 -20.97 -9.68 7.86
CA GLN A 27 -19.74 -10.46 7.84
C GLN A 27 -19.96 -11.90 8.21
N GLN A 28 -21.08 -12.18 8.89
CA GLN A 28 -21.28 -13.47 9.54
C GLN A 28 -22.30 -14.41 8.89
N CYS A 29 -22.98 -13.94 7.87
CA CYS A 29 -23.99 -14.78 7.23
C CYS A 29 -23.32 -15.74 6.27
N PRO A 30 -23.86 -16.96 6.14
CA PRO A 30 -23.29 -17.95 5.25
C PRO A 30 -23.42 -17.52 3.80
N PHE A 31 -22.51 -18.02 2.97
CA PHE A 31 -22.51 -17.74 1.53
C PHE A 31 -23.87 -17.85 0.84
N GLU A 32 -24.62 -18.90 1.14
CA GLU A 32 -25.89 -19.15 0.46
C GLU A 32 -26.99 -18.11 0.75
N ASP A 33 -26.92 -17.50 1.94
CA ASP A 33 -27.83 -16.40 2.28
C ASP A 33 -27.55 -15.21 1.37
N HIS A 34 -26.28 -14.90 1.15
CA HIS A 34 -25.90 -13.78 0.33
C HIS A 34 -26.17 -14.00 -1.16
N VAL A 35 -25.97 -15.24 -1.63
CA VAL A 35 -26.16 -15.55 -3.05
C VAL A 35 -27.54 -15.19 -3.57
N LYS A 36 -28.56 -15.58 -2.82
CA LYS A 36 -29.95 -15.34 -3.20
C LYS A 36 -30.31 -13.88 -2.94
N LEU A 37 -29.67 -13.32 -1.91
CA LEU A 37 -29.81 -11.90 -1.57
C LEU A 37 -29.32 -11.02 -2.72
N VAL A 38 -28.14 -11.37 -3.28
CA VAL A 38 -27.69 -10.71 -4.52
C VAL A 38 -28.78 -10.88 -5.56
N ASN A 39 -29.24 -12.14 -5.71
CA ASN A 39 -30.28 -12.45 -6.68
C ASN A 39 -31.56 -11.65 -6.44
N GLU A 40 -31.86 -11.36 -5.16
CA GLU A 40 -33.12 -10.67 -4.81
C GLU A 40 -32.90 -9.16 -4.93
N VAL A 41 -31.70 -8.82 -5.38
CA VAL A 41 -31.36 -7.44 -5.71
C VAL A 41 -31.17 -7.33 -7.22
N THR A 42 -30.43 -8.27 -7.80
CA THR A 42 -30.42 -8.47 -9.25
C THR A 42 -31.83 -8.92 -9.67
N GLU A 43 -32.05 -9.11 -10.97
CA GLU A 43 -33.32 -9.66 -11.47
C GLU A 43 -34.53 -8.86 -10.92
N PHE A 44 -34.15 -7.73 -10.26
CA PHE A 44 -35.12 -6.67 -9.94
C PHE A 44 -34.63 -5.68 -10.96
N ALA A 45 -33.30 -5.49 -10.98
CA ALA A 45 -32.61 -4.90 -12.11
C ALA A 45 -32.96 -5.71 -13.36
N LYS A 46 -32.46 -5.27 -14.52
CA LYS A 46 -32.79 -5.90 -15.80
C LYS A 46 -34.31 -5.97 -16.06
N THR A 47 -35.09 -5.55 -15.07
CA THR A 47 -36.55 -5.40 -15.23
C THR A 47 -36.85 -3.96 -14.76
N CYS A 48 -36.51 -3.73 -13.44
CA CYS A 48 -36.50 -2.35 -12.89
C CYS A 48 -35.74 -1.41 -13.90
N VAL A 49 -34.95 -2.06 -14.76
CA VAL A 49 -34.25 -1.37 -15.88
C VAL A 49 -35.20 -1.15 -17.07
N ALA A 50 -35.97 -2.18 -17.41
CA ALA A 50 -36.89 -2.10 -18.55
C ALA A 50 -38.06 -1.12 -18.23
N ASP A 51 -38.58 -1.33 -16.98
CA ASP A 51 -39.59 -0.44 -16.44
C ASP A 51 -38.89 0.55 -15.51
N GLU A 52 -38.78 1.81 -15.99
CA GLU A 52 -38.12 2.83 -15.17
C GLU A 52 -39.12 3.41 -14.18
N SER A 53 -40.43 3.23 -14.52
CA SER A 53 -41.49 3.82 -13.71
C SER A 53 -41.77 2.99 -12.44
N ALA A 54 -41.06 1.83 -12.30
CA ALA A 54 -41.43 0.89 -11.23
C ALA A 54 -41.19 1.44 -9.82
N GLU A 55 -41.73 0.63 -8.78
CA GLU A 55 -41.74 1.10 -7.39
C GLU A 55 -40.35 0.99 -6.73
N ASN A 56 -40.03 1.99 -5.90
CA ASN A 56 -38.72 2.06 -5.20
C ASN A 56 -37.45 2.18 -6.09
N CYS A 57 -37.66 2.01 -7.42
CA CYS A 57 -36.58 2.13 -8.44
C CYS A 57 -35.74 3.45 -8.33
N ASP A 58 -36.32 4.55 -7.84
CA ASP A 58 -35.61 5.84 -7.89
C ASP A 58 -34.91 6.19 -6.58
N LYS A 59 -35.40 5.56 -5.50
CA LYS A 59 -34.75 5.69 -4.20
C LYS A 59 -33.22 5.45 -4.29
N SER A 60 -32.48 6.10 -3.39
CA SER A 60 -31.03 6.01 -3.35
C SER A 60 -30.55 4.57 -3.15
N LEU A 61 -29.39 4.25 -3.72
CA LEU A 61 -28.81 2.93 -3.57
C LEU A 61 -28.59 2.59 -2.10
N HIS A 62 -28.35 3.63 -1.29
CA HIS A 62 -28.26 3.47 0.15
C HIS A 62 -29.59 2.96 0.68
N THR A 63 -30.70 3.61 0.27
CA THR A 63 -32.05 3.16 0.66
C THR A 63 -32.32 1.71 0.26
N LEU A 64 -32.22 1.47 -1.08
CA LEU A 64 -32.40 0.14 -1.67
C LEU A 64 -31.49 -0.91 -1.05
N PHE A 65 -30.27 -0.50 -0.68
CA PHE A 65 -29.37 -1.42 -0.01
C PHE A 65 -29.85 -1.69 1.41
N GLY A 66 -29.86 -0.64 2.23
CA GLY A 66 -30.22 -0.75 3.65
C GLY A 66 -31.58 -1.38 3.97
N ASP A 67 -32.54 -1.23 3.05
CA ASP A 67 -33.86 -1.87 3.21
C ASP A 67 -33.81 -3.37 2.88
N LYS A 68 -32.99 -3.71 1.87
CA LYS A 68 -32.69 -5.12 1.57
C LYS A 68 -31.97 -5.67 2.83
N LEU A 69 -30.98 -4.79 3.24
CA LEU A 69 -30.13 -5.12 4.39
C LEU A 69 -30.86 -4.99 5.73
N CYS A 70 -32.09 -5.51 5.78
CA CYS A 70 -32.85 -5.59 7.01
C CYS A 70 -33.85 -6.75 6.90
N THR A 71 -33.51 -7.69 6.00
CA THR A 71 -34.37 -8.88 5.82
C THR A 71 -33.59 -10.17 6.16
N VAL A 72 -33.93 -10.63 7.49
CA VAL A 72 -33.37 -11.93 7.95
C VAL A 72 -33.36 -11.95 9.49
N ALA A 73 -33.89 -13.20 10.00
CA ALA A 73 -33.99 -13.44 11.44
C ALA A 73 -32.96 -12.69 12.36
N THR A 74 -31.54 -13.17 12.16
CA THR A 74 -30.62 -12.90 13.28
C THR A 74 -30.25 -11.42 13.44
N LEU A 75 -30.00 -11.02 14.74
CA LEU A 75 -29.75 -9.62 15.11
C LEU A 75 -28.75 -8.91 14.16
N GLU A 81 -24.46 -5.19 19.90
CA GLU A 81 -25.66 -4.37 19.98
C GLU A 81 -25.89 -3.55 18.70
N MET A 82 -25.60 -4.17 17.55
CA MET A 82 -25.86 -3.55 16.25
C MET A 82 -27.36 -3.51 15.91
N ALA A 83 -28.18 -3.93 16.87
CA ALA A 83 -29.63 -3.98 16.71
C ALA A 83 -30.25 -2.59 16.62
N ASP A 84 -29.76 -1.67 17.46
CA ASP A 84 -30.25 -0.30 17.47
C ASP A 84 -30.38 0.27 16.04
N CYS A 85 -29.62 -0.30 15.10
CA CYS A 85 -29.67 0.10 13.69
C CYS A 85 -31.01 -0.21 13.02
N CYS A 86 -31.18 0.31 11.81
CA CYS A 86 -32.36 0.03 10.98
C CYS A 86 -33.63 0.71 11.55
N ALA A 87 -33.44 1.31 12.74
CA ALA A 87 -34.45 2.18 13.35
C ALA A 87 -34.43 3.54 12.68
N LYS A 88 -33.24 3.95 12.24
CA LYS A 88 -33.05 5.25 11.59
C LYS A 88 -33.50 5.22 10.12
N GLN A 89 -33.85 6.42 9.60
CA GLN A 89 -34.46 6.52 8.27
C GLN A 89 -33.48 6.96 7.18
N GLU A 90 -32.55 6.07 6.84
CA GLU A 90 -31.48 6.31 5.84
C GLU A 90 -30.64 7.55 6.18
N PRO A 91 -29.42 7.68 5.59
CA PRO A 91 -28.45 8.67 6.03
C PRO A 91 -28.99 9.65 7.08
N GLU A 92 -28.37 9.55 8.26
CA GLU A 92 -29.03 9.75 9.54
C GLU A 92 -29.27 8.33 10.04
N ARG A 93 -28.78 7.36 9.28
CA ARG A 93 -28.81 5.94 9.65
C ARG A 93 -27.50 5.24 9.39
N ASN A 94 -27.03 5.30 8.14
CA ASN A 94 -25.93 4.43 7.68
C ASN A 94 -24.57 4.60 8.34
N GLU A 95 -24.39 5.71 9.05
CA GLU A 95 -23.27 5.84 9.99
C GLU A 95 -23.35 4.75 11.07
N CYS A 96 -24.49 4.04 11.09
CA CYS A 96 -24.76 2.99 12.07
C CYS A 96 -24.04 1.73 11.71
N PHE A 97 -24.54 1.03 10.70
CA PHE A 97 -23.94 -0.22 10.22
C PHE A 97 -22.42 -0.11 10.21
N LEU A 98 -21.92 0.88 9.47
CA LEU A 98 -20.50 1.15 9.34
C LEU A 98 -19.73 1.26 10.67
N GLN A 99 -20.32 1.92 11.67
CA GLN A 99 -19.65 2.12 12.96
C GLN A 99 -19.41 0.82 13.76
N HIS A 100 -20.07 -0.26 13.36
CA HIS A 100 -19.97 -1.51 14.10
C HIS A 100 -19.08 -2.57 13.45
N LYS A 101 -18.68 -2.33 12.21
CA LYS A 101 -17.81 -3.25 11.46
C LYS A 101 -16.61 -3.68 12.29
N ASP A 102 -16.15 -4.92 12.09
CA ASP A 102 -15.11 -5.47 12.93
C ASP A 102 -13.72 -5.24 12.34
N ASP A 103 -12.88 -4.56 13.12
CA ASP A 103 -11.47 -4.34 12.75
C ASP A 103 -10.95 -5.61 12.08
N ASN A 104 -10.91 -6.69 12.85
CA ASN A 104 -10.77 -8.04 12.30
C ASN A 104 -11.70 -9.02 13.01
N PRO A 105 -12.52 -9.74 12.23
CA PRO A 105 -13.62 -10.54 12.76
C PRO A 105 -13.13 -11.87 13.29
N ASN A 106 -13.96 -12.50 14.12
CA ASN A 106 -13.61 -13.77 14.73
C ASN A 106 -14.13 -14.96 13.92
N LEU A 107 -13.39 -15.34 12.89
CA LEU A 107 -13.76 -16.50 12.06
C LEU A 107 -12.57 -17.30 11.51
N PRO A 108 -12.86 -18.51 10.97
CA PRO A 108 -11.83 -19.49 10.65
C PRO A 108 -10.68 -18.92 9.83
N ARG A 109 -9.49 -18.89 10.42
CA ARG A 109 -8.32 -18.55 9.61
C ARG A 109 -8.34 -19.48 8.40
N LEU A 110 -8.71 -18.91 7.25
CA LEU A 110 -9.01 -19.68 6.05
C LEU A 110 -7.78 -20.36 5.43
N VAL A 111 -7.73 -21.69 5.51
CA VAL A 111 -6.63 -22.49 4.96
C VAL A 111 -6.84 -22.85 3.47
N ARG A 112 -5.78 -22.77 2.69
CA ARG A 112 -5.85 -23.08 1.25
C ARG A 112 -5.92 -24.58 0.98
N PRO A 113 -6.84 -25.02 0.09
CA PRO A 113 -6.96 -26.43 -0.28
C PRO A 113 -5.75 -26.88 -1.09
N GLU A 114 -5.64 -28.17 -1.35
CA GLU A 114 -4.59 -28.69 -2.23
C GLU A 114 -4.88 -28.36 -3.68
N VAL A 115 -3.83 -28.31 -4.50
CA VAL A 115 -3.97 -27.97 -5.92
C VAL A 115 -5.03 -28.83 -6.59
N ASP A 116 -4.77 -30.13 -6.65
CA ASP A 116 -5.73 -31.08 -7.20
C ASP A 116 -7.16 -30.59 -6.95
N VAL A 117 -7.51 -30.45 -5.67
CA VAL A 117 -8.86 -30.05 -5.26
C VAL A 117 -9.30 -28.74 -5.91
N MET A 118 -8.50 -27.68 -5.73
CA MET A 118 -8.89 -26.37 -6.25
C MET A 118 -9.26 -26.42 -7.72
N CYS A 119 -8.39 -27.02 -8.54
CA CYS A 119 -8.61 -27.06 -9.98
C CYS A 119 -9.82 -27.91 -10.32
N THR A 120 -10.04 -28.97 -9.53
CA THR A 120 -11.21 -29.82 -9.66
C THR A 120 -12.49 -28.99 -9.56
N ALA A 121 -12.68 -28.35 -8.40
CA ALA A 121 -13.86 -27.52 -8.16
C ALA A 121 -14.03 -26.37 -9.18
N PHE A 122 -12.91 -25.88 -9.71
CA PHE A 122 -12.95 -24.82 -10.71
C PHE A 122 -13.41 -25.29 -12.08
N HIS A 123 -13.08 -26.54 -12.44
CA HIS A 123 -13.52 -27.09 -13.74
C HIS A 123 -14.94 -27.64 -13.66
N ASP A 124 -15.27 -28.26 -12.52
CA ASP A 124 -16.62 -28.77 -12.26
C ASP A 124 -17.67 -27.65 -12.13
N ASN A 125 -17.22 -26.44 -11.76
CA ASN A 125 -18.07 -25.23 -11.78
C ASN A 125 -17.31 -23.95 -11.42
N GLU A 126 -17.25 -23.00 -12.36
CA GLU A 126 -16.51 -21.74 -12.14
C GLU A 126 -17.23 -20.76 -11.22
N GLU A 127 -18.44 -20.34 -11.61
CA GLU A 127 -19.25 -19.39 -10.84
C GLU A 127 -19.18 -19.59 -9.32
N THR A 128 -19.51 -20.79 -8.86
CA THR A 128 -19.67 -21.06 -7.44
C THR A 128 -18.37 -21.02 -6.65
N PHE A 129 -17.33 -21.58 -7.24
CA PHE A 129 -16.03 -21.68 -6.60
C PHE A 129 -15.38 -20.30 -6.52
N LEU A 130 -15.67 -19.45 -7.50
CA LEU A 130 -15.09 -18.11 -7.55
C LEU A 130 -15.84 -17.15 -6.67
N LYS A 131 -17.16 -17.20 -6.74
CA LYS A 131 -18.00 -16.32 -5.94
C LYS A 131 -17.87 -16.71 -4.48
N LYS A 132 -17.81 -18.03 -4.24
CA LYS A 132 -17.58 -18.54 -2.88
C LYS A 132 -16.36 -17.87 -2.29
N TYR A 133 -15.24 -18.00 -2.99
CA TYR A 133 -13.99 -17.43 -2.51
C TYR A 133 -14.00 -15.90 -2.44
N LEU A 134 -14.79 -15.27 -3.30
CA LEU A 134 -14.97 -13.82 -3.26
C LEU A 134 -15.68 -13.35 -1.98
N TYR A 135 -16.82 -13.96 -1.68
CA TYR A 135 -17.54 -13.70 -0.42
C TYR A 135 -16.59 -13.84 0.76
N GLU A 136 -15.80 -14.89 0.72
CA GLU A 136 -14.98 -15.32 1.83
C GLU A 136 -13.91 -14.31 2.20
N ILE A 137 -13.20 -13.86 1.17
CA ILE A 137 -12.16 -12.85 1.31
C ILE A 137 -12.81 -11.52 1.66
N ALA A 138 -13.95 -11.25 1.04
CA ALA A 138 -14.73 -10.04 1.30
C ALA A 138 -15.00 -9.85 2.79
N ARG A 139 -15.40 -10.91 3.48
CA ARG A 139 -15.86 -10.79 4.86
C ARG A 139 -14.74 -10.57 5.89
N ARG A 140 -13.54 -11.05 5.59
CA ARG A 140 -12.40 -10.87 6.49
C ARG A 140 -11.75 -9.52 6.26
N HIS A 141 -12.13 -8.87 5.17
CA HIS A 141 -11.53 -7.59 4.77
C HIS A 141 -12.63 -6.57 4.49
N PRO A 142 -13.26 -6.07 5.56
CA PRO A 142 -14.52 -5.36 5.43
C PRO A 142 -14.37 -3.96 4.87
N TYR A 143 -13.15 -3.43 4.93
CA TYR A 143 -12.86 -2.10 4.42
C TYR A 143 -12.20 -2.09 3.04
N PHE A 144 -12.13 -3.27 2.42
CA PHE A 144 -11.44 -3.43 1.16
C PHE A 144 -12.29 -2.97 -0.01
N TYR A 145 -11.92 -1.84 -0.58
CA TYR A 145 -12.65 -1.24 -1.68
C TYR A 145 -13.10 -2.32 -2.62
N ALA A 146 -14.42 -2.42 -2.80
CA ALA A 146 -15.03 -3.55 -3.48
C ALA A 146 -14.54 -3.75 -4.92
N PRO A 147 -14.53 -2.69 -5.75
CA PRO A 147 -14.01 -2.87 -7.12
C PRO A 147 -12.59 -3.40 -7.15
N GLU A 148 -11.72 -2.97 -6.25
CA GLU A 148 -10.37 -3.49 -6.35
C GLU A 148 -10.44 -5.00 -6.15
N LEU A 149 -11.30 -5.43 -5.23
CA LEU A 149 -11.43 -6.85 -4.96
C LEU A 149 -11.92 -7.55 -6.21
N LEU A 150 -12.86 -6.92 -6.91
CA LEU A 150 -13.38 -7.49 -8.13
C LEU A 150 -12.26 -7.68 -9.15
N PHE A 151 -11.33 -6.74 -9.21
CA PHE A 151 -10.26 -6.83 -10.21
C PHE A 151 -9.35 -8.00 -9.95
N PHE A 152 -9.11 -8.27 -8.67
CA PHE A 152 -8.37 -9.46 -8.26
C PHE A 152 -9.11 -10.72 -8.62
N ALA A 153 -10.42 -10.73 -8.43
CA ALA A 153 -11.23 -11.88 -8.83
C ALA A 153 -11.07 -12.21 -10.33
N LYS A 154 -10.98 -11.17 -11.17
CA LYS A 154 -10.74 -11.36 -12.59
C LYS A 154 -9.31 -11.84 -12.85
N ARG A 155 -8.37 -11.41 -12.01
CA ARG A 155 -7.02 -11.93 -12.08
C ARG A 155 -6.98 -13.38 -11.57
N TYR A 156 -7.83 -13.73 -10.61
CA TYR A 156 -7.86 -15.10 -10.12
C TYR A 156 -8.33 -16.07 -11.20
N LYS A 157 -9.40 -15.70 -11.92
CA LYS A 157 -9.93 -16.56 -12.96
C LYS A 157 -8.85 -16.86 -14.00
N ALA A 158 -8.14 -15.82 -14.41
CA ALA A 158 -7.07 -15.97 -15.39
C ALA A 158 -6.05 -17.01 -14.91
N ALA A 159 -5.63 -16.90 -13.66
CA ALA A 159 -4.60 -17.78 -13.13
C ALA A 159 -5.11 -19.23 -13.03
N PHE A 160 -6.34 -19.40 -12.57
CA PHE A 160 -6.94 -20.72 -12.55
C PHE A 160 -7.13 -21.27 -13.96
N THR A 161 -7.71 -20.45 -14.84
CA THR A 161 -7.95 -20.88 -16.21
C THR A 161 -6.67 -21.46 -16.77
N GLU A 162 -5.59 -20.72 -16.56
CA GLU A 162 -4.28 -21.07 -17.08
C GLU A 162 -3.71 -22.36 -16.46
N CYS A 163 -3.41 -22.35 -15.17
CA CYS A 163 -2.61 -23.43 -14.57
C CYS A 163 -3.34 -24.77 -14.44
N CYS A 164 -4.65 -24.76 -14.60
CA CYS A 164 -5.41 -26.00 -14.46
C CYS A 164 -5.33 -26.87 -15.71
N GLN A 165 -4.64 -26.39 -16.73
CA GLN A 165 -4.51 -27.12 -17.98
C GLN A 165 -3.04 -27.33 -18.36
N ALA A 166 -2.16 -27.29 -17.36
CA ALA A 166 -0.72 -27.40 -17.59
C ALA A 166 -0.10 -28.66 -16.97
N ALA A 167 1.10 -29.02 -17.48
CA ALA A 167 1.93 -30.05 -16.87
C ALA A 167 2.07 -29.77 -15.40
N ASP A 168 2.73 -28.65 -15.09
CA ASP A 168 2.81 -28.20 -13.72
C ASP A 168 1.57 -27.39 -13.39
N LYS A 169 0.59 -28.03 -12.73
CA LYS A 169 -0.55 -27.31 -12.20
C LYS A 169 -0.07 -26.55 -10.97
N ALA A 170 0.73 -27.23 -10.16
CA ALA A 170 1.22 -26.70 -8.89
C ALA A 170 2.25 -25.58 -9.05
N ALA A 171 3.34 -25.86 -9.76
CA ALA A 171 4.44 -24.90 -9.93
C ALA A 171 3.98 -23.60 -10.55
N CYS A 172 2.77 -23.64 -11.09
CA CYS A 172 2.19 -22.55 -11.84
C CYS A 172 1.25 -21.69 -10.99
N LEU A 173 0.30 -22.38 -10.36
CA LEU A 173 -0.83 -21.75 -9.70
C LEU A 173 -0.49 -21.16 -8.35
N LEU A 174 0.13 -22.00 -7.52
CA LEU A 174 0.57 -21.61 -6.19
C LEU A 174 1.27 -20.27 -6.21
N PRO A 175 2.38 -20.18 -6.96
CA PRO A 175 3.06 -18.91 -7.11
C PRO A 175 2.14 -17.77 -7.49
N LYS A 176 1.12 -18.04 -8.28
CA LYS A 176 0.19 -16.97 -8.64
C LYS A 176 -0.74 -16.65 -7.47
N LEU A 177 -1.33 -17.68 -6.85
CA LEU A 177 -2.18 -17.46 -5.68
C LEU A 177 -1.41 -16.69 -4.64
N ASP A 178 -0.19 -17.16 -4.36
CA ASP A 178 0.73 -16.50 -3.44
C ASP A 178 0.91 -15.01 -3.79
N GLU A 179 1.34 -14.73 -5.02
CA GLU A 179 1.52 -13.35 -5.52
C GLU A 179 0.22 -12.52 -5.49
N LEU A 180 -0.92 -13.17 -5.71
CA LEU A 180 -2.20 -12.49 -5.60
C LEU A 180 -2.52 -12.16 -4.15
N ARG A 181 -2.49 -13.20 -3.31
CA ARG A 181 -2.62 -13.06 -1.86
C ARG A 181 -1.77 -11.92 -1.31
N ASP A 182 -0.49 -11.93 -1.64
CA ASP A 182 0.41 -10.89 -1.18
C ASP A 182 -0.02 -9.48 -1.62
N GLU A 183 -0.46 -9.35 -2.87
CA GLU A 183 -0.89 -8.04 -3.37
C GLU A 183 -2.16 -7.57 -2.67
N GLY A 184 -3.15 -8.46 -2.64
CA GLY A 184 -4.34 -8.25 -1.85
C GLY A 184 -4.03 -7.78 -0.45
N LYS A 185 -3.40 -8.65 0.34
CA LYS A 185 -3.13 -8.33 1.73
C LYS A 185 -2.48 -6.97 1.86
N ALA A 186 -1.52 -6.70 0.99
CA ALA A 186 -0.75 -5.46 1.06
C ALA A 186 -1.55 -4.27 0.58
N SER A 187 -2.38 -4.50 -0.43
CA SER A 187 -3.31 -3.47 -0.91
C SER A 187 -4.17 -3.04 0.26
N SER A 188 -4.70 -4.04 0.97
CA SER A 188 -5.52 -3.84 2.15
C SER A 188 -4.76 -3.15 3.26
N ALA A 189 -3.58 -3.67 3.58
CA ALA A 189 -2.78 -3.09 4.65
C ALA A 189 -2.50 -1.60 4.39
N LYS A 190 -2.27 -1.27 3.12
CA LYS A 190 -1.95 0.09 2.70
C LYS A 190 -3.17 1.02 2.84
N GLN A 191 -4.36 0.50 2.54
CA GLN A 191 -5.59 1.23 2.81
C GLN A 191 -5.64 1.58 4.30
N ARG A 192 -5.42 0.58 5.15
CA ARG A 192 -5.53 0.80 6.58
C ARG A 192 -4.50 1.81 7.01
N LEU A 193 -3.30 1.64 6.50
CA LEU A 193 -2.19 2.49 6.83
C LEU A 193 -2.54 3.96 6.63
N LYS A 194 -2.98 4.30 5.43
CA LYS A 194 -3.31 5.67 5.10
C LYS A 194 -4.39 6.18 6.05
N CYS A 195 -5.43 5.37 6.24
CA CYS A 195 -6.56 5.75 7.08
C CYS A 195 -6.12 6.02 8.49
N ALA A 196 -5.28 5.15 9.02
CA ALA A 196 -4.85 5.29 10.41
C ALA A 196 -3.96 6.51 10.53
N SER A 197 -2.94 6.55 9.68
CA SER A 197 -2.08 7.71 9.59
C SER A 197 -2.89 9.00 9.47
N LEU A 198 -3.91 9.00 8.62
CA LEU A 198 -4.75 10.18 8.48
C LEU A 198 -5.42 10.57 9.81
N GLN A 199 -5.59 9.62 10.70
CA GLN A 199 -6.20 9.94 11.98
C GLN A 199 -5.15 10.47 12.97
N LYS A 200 -3.98 9.82 12.96
CA LYS A 200 -2.87 10.11 13.88
C LYS A 200 -2.17 11.44 13.57
N PHE A 201 -2.17 11.82 12.29
CA PHE A 201 -1.42 13.00 11.84
C PHE A 201 -2.28 13.97 11.03
N GLY A 202 -3.58 13.76 11.01
CA GLY A 202 -4.49 14.64 10.28
C GLY A 202 -4.13 14.82 8.81
N GLU A 203 -4.85 15.71 8.15
CA GLU A 203 -4.70 15.99 6.72
C GLU A 203 -3.31 16.42 6.31
N ARG A 204 -2.66 17.27 7.11
CA ARG A 204 -1.44 17.93 6.67
C ARG A 204 -0.34 16.98 6.22
N ALA A 205 -0.02 15.97 7.02
CA ALA A 205 0.92 14.95 6.61
C ALA A 205 0.42 14.20 5.40
N PHE A 206 -0.87 13.92 5.38
CA PHE A 206 -1.36 13.18 4.25
C PHE A 206 -1.15 14.00 2.99
N LYS A 207 -1.45 15.30 3.06
CA LYS A 207 -1.35 16.14 1.87
C LYS A 207 0.09 16.19 1.39
N ALA A 208 1.02 16.38 2.32
CA ALA A 208 2.43 16.41 2.00
C ALA A 208 2.79 15.17 1.18
N TRP A 209 2.30 14.03 1.64
CA TRP A 209 2.53 12.79 0.97
C TRP A 209 1.99 12.84 -0.46
N ALA A 210 0.73 13.18 -0.62
CA ALA A 210 0.16 13.12 -1.93
C ALA A 210 0.84 14.14 -2.85
N VAL A 211 1.17 15.31 -2.32
CA VAL A 211 1.87 16.31 -3.10
C VAL A 211 3.12 15.65 -3.67
N ALA A 212 3.93 15.07 -2.82
CA ALA A 212 5.15 14.42 -3.30
C ALA A 212 4.77 13.40 -4.38
N ARG A 213 3.78 12.55 -4.11
CA ARG A 213 3.49 11.43 -4.99
C ARG A 213 2.96 11.89 -6.33
N LEU A 214 2.00 12.79 -6.34
CA LEU A 214 1.40 13.23 -7.60
C LEU A 214 2.39 14.04 -8.44
N SER A 215 3.25 14.81 -7.78
CA SER A 215 4.31 15.53 -8.47
C SER A 215 5.28 14.60 -9.20
N GLN A 216 5.67 13.48 -8.57
CA GLN A 216 6.54 12.54 -9.25
C GLN A 216 5.80 12.02 -10.45
N ARG A 217 4.52 11.74 -10.25
CA ARG A 217 3.77 11.06 -11.26
C ARG A 217 3.35 12.02 -12.41
N PHE A 218 2.99 13.25 -12.06
CA PHE A 218 2.63 14.20 -13.10
C PHE A 218 3.59 15.38 -13.16
N PRO A 219 4.87 15.13 -13.47
CA PRO A 219 5.80 16.28 -13.39
C PRO A 219 5.52 17.51 -14.25
N LYS A 220 4.70 17.41 -15.30
CA LYS A 220 4.35 18.57 -16.17
C LYS A 220 3.25 19.43 -15.64
N ALA A 221 2.51 18.89 -14.68
CA ALA A 221 1.40 19.58 -14.09
C ALA A 221 1.95 20.75 -13.32
N GLU A 222 1.21 21.86 -13.29
CA GLU A 222 1.66 23.00 -12.51
C GLU A 222 1.27 22.81 -11.07
N PHE A 223 1.88 23.57 -10.20
CA PHE A 223 1.56 23.43 -8.81
C PHE A 223 0.05 23.41 -8.58
N ALA A 224 -0.66 24.34 -9.21
CA ALA A 224 -2.10 24.48 -8.97
C ALA A 224 -2.88 23.25 -9.40
N GLU A 225 -2.43 22.59 -10.47
CA GLU A 225 -3.02 21.32 -10.88
C GLU A 225 -2.77 20.30 -9.76
N VAL A 226 -1.52 20.17 -9.32
CA VAL A 226 -1.21 19.14 -8.35
C VAL A 226 -1.94 19.44 -7.04
N SER A 227 -1.88 20.68 -6.60
CA SER A 227 -2.52 21.06 -5.38
C SER A 227 -4.00 20.70 -5.51
N LYS A 228 -4.56 20.86 -6.69
CA LYS A 228 -5.97 20.64 -6.82
C LYS A 228 -6.21 19.16 -6.60
N LEU A 229 -5.52 18.33 -7.38
CA LEU A 229 -5.55 16.89 -7.19
C LEU A 229 -5.32 16.48 -5.73
N VAL A 230 -4.38 17.11 -5.06
CA VAL A 230 -4.17 16.81 -3.62
C VAL A 230 -5.42 17.04 -2.78
N THR A 231 -6.08 18.15 -3.02
CA THR A 231 -7.26 18.46 -2.26
C THR A 231 -8.30 17.39 -2.52
N ASP A 232 -8.52 17.07 -3.79
CA ASP A 232 -9.60 16.16 -4.16
C ASP A 232 -9.28 14.78 -3.62
N LEU A 233 -8.02 14.38 -3.71
CA LEU A 233 -7.63 13.08 -3.25
C LEU A 233 -7.75 12.96 -1.72
N THR A 234 -7.43 14.01 -0.98
CA THR A 234 -7.57 13.99 0.48
C THR A 234 -9.04 13.77 0.84
N LYS A 235 -9.90 14.41 0.08
CA LYS A 235 -11.33 14.23 0.21
C LYS A 235 -11.72 12.76 0.01
N VAL A 236 -11.32 12.19 -1.13
CA VAL A 236 -11.61 10.81 -1.50
C VAL A 236 -11.18 9.83 -0.41
N HIS A 237 -9.94 9.94 0.04
CA HIS A 237 -9.47 9.06 1.07
C HIS A 237 -10.19 9.32 2.38
N THR A 238 -10.52 10.57 2.65
CA THR A 238 -11.24 10.88 3.87
C THR A 238 -12.60 10.20 3.87
N GLU A 239 -13.28 10.25 2.74
CA GLU A 239 -14.57 9.61 2.63
C GLU A 239 -14.41 8.11 2.55
N CYS A 240 -13.52 7.62 1.70
CA CYS A 240 -13.27 6.19 1.58
C CYS A 240 -12.85 5.59 2.89
N CYS A 241 -12.29 6.41 3.79
CA CYS A 241 -11.85 5.89 5.09
C CYS A 241 -13.02 5.73 6.07
N HIS A 242 -14.15 6.35 5.77
CA HIS A 242 -15.38 6.10 6.53
C HIS A 242 -15.78 4.65 6.37
N GLY A 243 -15.85 4.21 5.12
CA GLY A 243 -16.06 2.79 4.85
C GLY A 243 -17.15 2.52 3.87
N ASP A 244 -17.76 3.57 3.33
CA ASP A 244 -18.88 3.36 2.43
C ASP A 244 -18.49 3.40 0.97
N LEU A 245 -18.67 2.27 0.33
CA LEU A 245 -18.47 2.10 -1.09
C LEU A 245 -18.94 3.30 -1.92
N LEU A 246 -20.20 3.66 -1.77
CA LEU A 246 -20.85 4.65 -2.65
C LEU A 246 -20.26 6.04 -2.59
N GLU A 247 -20.16 6.57 -1.37
CA GLU A 247 -19.52 7.86 -1.14
C GLU A 247 -18.09 7.83 -1.63
N CYS A 248 -17.43 6.70 -1.38
CA CYS A 248 -16.06 6.51 -1.82
C CYS A 248 -16.00 6.43 -3.34
N ALA A 249 -16.90 5.63 -3.92
CA ALA A 249 -16.84 5.39 -5.35
C ALA A 249 -17.19 6.63 -6.15
N ASP A 250 -18.26 7.31 -5.76
CA ASP A 250 -18.64 8.52 -6.45
C ASP A 250 -17.49 9.55 -6.45
N ASP A 251 -16.74 9.66 -5.34
CA ASP A 251 -15.66 10.63 -5.29
C ASP A 251 -14.52 10.19 -6.19
N ARG A 252 -14.28 8.89 -6.23
CA ARG A 252 -13.18 8.38 -7.03
C ARG A 252 -13.50 8.61 -8.50
N ALA A 253 -14.72 8.27 -8.87
CA ALA A 253 -15.12 8.34 -10.26
C ALA A 253 -15.10 9.79 -10.74
N ASP A 254 -15.49 10.73 -9.86
CA ASP A 254 -15.42 12.17 -10.17
C ASP A 254 -13.99 12.65 -10.34
N LEU A 255 -13.14 12.37 -9.34
CA LEU A 255 -11.73 12.72 -9.45
C LEU A 255 -11.11 12.16 -10.71
N ALA A 256 -11.43 10.90 -11.03
CA ALA A 256 -10.95 10.29 -12.26
C ALA A 256 -11.51 11.03 -13.47
N LYS A 257 -12.77 11.45 -13.44
CA LYS A 257 -13.33 12.11 -14.60
C LYS A 257 -12.57 13.41 -14.79
N TYR A 258 -12.24 14.04 -13.68
CA TYR A 258 -11.63 15.34 -13.72
C TYR A 258 -10.20 15.27 -14.29
N ILE A 259 -9.43 14.29 -13.83
CA ILE A 259 -8.12 14.09 -14.38
C ILE A 259 -8.14 13.91 -15.91
N CYS A 260 -9.14 13.20 -16.40
CA CYS A 260 -9.22 12.81 -17.79
C CYS A 260 -9.61 13.97 -18.68
N GLU A 261 -10.58 14.75 -18.22
CA GLU A 261 -10.91 16.01 -18.88
C GLU A 261 -9.67 16.88 -19.03
N ASN A 262 -8.69 16.71 -18.15
CA ASN A 262 -7.58 17.65 -18.10
C ASN A 262 -6.27 16.94 -18.33
N GLN A 263 -6.37 15.78 -18.98
CA GLN A 263 -5.22 14.96 -19.14
C GLN A 263 -4.12 15.60 -19.95
N ASP A 264 -4.49 16.24 -21.05
CA ASP A 264 -3.53 16.95 -21.91
C ASP A 264 -2.64 17.86 -21.13
N SER A 265 -3.16 18.43 -20.07
CA SER A 265 -2.33 19.28 -19.27
C SER A 265 -1.53 18.48 -18.26
N ILE A 266 -2.09 17.34 -17.84
CA ILE A 266 -1.65 16.71 -16.63
C ILE A 266 -0.60 15.66 -16.88
N SER A 267 -0.74 14.91 -17.96
CA SER A 267 0.15 13.82 -18.15
C SER A 267 -0.11 13.16 -19.44
N SER A 268 0.94 12.93 -20.21
CA SER A 268 0.77 12.25 -21.49
C SER A 268 0.63 10.74 -21.28
N LYS A 269 0.63 10.30 -20.03
CA LYS A 269 0.59 8.86 -19.78
C LYS A 269 -0.83 8.32 -19.58
N LEU A 270 -1.84 9.19 -19.71
CA LEU A 270 -3.20 8.85 -19.31
C LEU A 270 -4.13 8.57 -20.48
N LYS A 271 -3.61 8.31 -21.66
CA LYS A 271 -4.54 8.10 -22.74
C LYS A 271 -5.37 6.82 -22.49
N GLU A 272 -4.71 5.69 -22.28
CA GLU A 272 -5.41 4.43 -22.06
C GLU A 272 -6.43 4.53 -20.93
N CYS A 273 -5.97 4.90 -19.73
CA CYS A 273 -6.83 5.01 -18.55
C CYS A 273 -8.11 5.78 -18.82
N CYS A 274 -7.98 6.92 -19.49
CA CYS A 274 -9.15 7.76 -19.75
C CYS A 274 -10.16 7.21 -20.74
N GLU A 275 -9.79 6.16 -21.47
CA GLU A 275 -10.76 5.52 -22.37
C GLU A 275 -11.24 4.16 -21.84
N LYS A 276 -11.08 3.93 -20.53
CA LYS A 276 -11.58 2.71 -19.92
C LYS A 276 -12.96 2.93 -19.30
N PRO A 277 -13.70 1.85 -19.09
CA PRO A 277 -15.02 1.94 -18.49
C PRO A 277 -14.90 2.60 -17.12
N LEU A 278 -15.98 3.22 -16.63
CA LEU A 278 -15.93 3.93 -15.35
C LEU A 278 -15.36 3.07 -14.22
N LEU A 279 -15.81 1.82 -14.15
CA LEU A 279 -15.39 0.88 -13.11
C LEU A 279 -13.88 0.90 -12.90
N GLU A 280 -13.15 0.95 -14.01
CA GLU A 280 -11.73 0.69 -14.04
C GLU A 280 -10.87 1.93 -14.12
N LYS A 281 -11.50 3.07 -14.35
CA LYS A 281 -10.75 4.27 -14.73
C LYS A 281 -9.97 4.88 -13.57
N SER A 282 -10.57 4.95 -12.40
CA SER A 282 -9.81 5.51 -11.27
C SER A 282 -8.71 4.52 -10.88
N HIS A 283 -8.99 3.24 -11.13
CA HIS A 283 -8.02 2.20 -10.87
C HIS A 283 -6.83 2.34 -11.82
N CYS A 284 -7.11 2.51 -13.10
CA CYS A 284 -6.02 2.60 -14.06
C CYS A 284 -5.19 3.86 -13.80
N ILE A 285 -5.86 4.96 -13.45
CA ILE A 285 -5.13 6.17 -13.09
C ILE A 285 -4.16 5.98 -11.92
N ALA A 286 -4.62 5.34 -10.85
CA ALA A 286 -3.84 5.26 -9.62
C ALA A 286 -2.56 4.51 -9.89
N GLU A 287 -2.48 3.81 -11.01
CA GLU A 287 -1.24 3.12 -11.24
C GLU A 287 -0.54 3.44 -12.55
N VAL A 288 -0.90 4.57 -13.14
CA VAL A 288 -0.27 5.01 -14.35
C VAL A 288 1.25 5.22 -14.09
N GLU A 289 2.08 5.04 -15.10
CA GLU A 289 3.52 5.34 -14.98
C GLU A 289 3.74 6.84 -14.86
N ASN A 290 4.83 7.26 -14.23
CA ASN A 290 5.22 8.67 -14.20
C ASN A 290 5.31 9.24 -15.60
N ASP A 291 4.96 10.50 -15.77
CA ASP A 291 5.23 11.16 -17.01
C ASP A 291 6.72 11.60 -17.06
N GLU A 292 7.21 11.94 -18.25
CA GLU A 292 8.52 12.60 -18.36
C GLU A 292 8.38 14.00 -17.83
N MET A 293 9.36 14.45 -17.06
CA MET A 293 9.39 15.84 -16.59
C MET A 293 9.71 16.77 -17.76
N PRO A 294 9.29 18.02 -17.67
CA PRO A 294 9.61 18.96 -18.75
C PRO A 294 11.10 19.04 -18.87
N ALA A 295 11.61 19.43 -20.04
CA ALA A 295 13.01 19.37 -20.35
C ALA A 295 13.93 20.34 -19.62
N ASP A 296 13.48 21.52 -19.23
CA ASP A 296 14.57 22.41 -18.80
C ASP A 296 14.40 22.97 -17.39
N LEU A 297 13.87 22.15 -16.48
CA LEU A 297 13.65 22.61 -15.13
C LEU A 297 14.91 23.24 -14.55
N PRO A 298 14.80 24.47 -14.06
CA PRO A 298 15.93 25.15 -13.45
C PRO A 298 16.23 24.53 -12.11
N SER A 299 17.32 24.94 -11.50
CA SER A 299 17.62 24.56 -10.12
C SER A 299 16.52 25.10 -9.20
N LEU A 300 16.38 24.49 -8.03
CA LEU A 300 15.50 25.04 -7.02
C LEU A 300 16.17 26.13 -6.20
N ALA A 301 17.37 26.53 -6.61
CA ALA A 301 18.12 27.50 -5.84
C ALA A 301 17.48 28.88 -5.96
N ALA A 302 17.10 29.25 -7.19
CA ALA A 302 16.55 30.58 -7.41
C ALA A 302 15.46 30.88 -6.38
N ASP A 303 14.44 30.04 -6.34
CA ASP A 303 13.23 30.36 -5.60
C ASP A 303 13.32 30.03 -4.13
N PHE A 304 14.19 29.09 -3.77
CA PHE A 304 14.16 28.58 -2.39
C PHE A 304 15.43 28.85 -1.59
N VAL A 305 16.49 29.33 -2.23
CA VAL A 305 17.70 29.69 -1.47
C VAL A 305 18.27 31.04 -1.84
N GLU A 306 18.50 31.24 -3.13
CA GLU A 306 19.14 32.46 -3.56
C GLU A 306 18.18 33.64 -3.48
N SER A 307 16.89 33.44 -3.71
CA SER A 307 15.97 34.57 -3.70
C SER A 307 16.03 35.41 -2.44
N LYS A 308 15.79 36.71 -2.60
CA LYS A 308 15.79 37.64 -1.47
C LYS A 308 14.50 37.49 -0.68
N ASP A 309 13.45 37.03 -1.35
CA ASP A 309 12.13 37.00 -0.76
C ASP A 309 11.84 35.69 -0.01
N VAL A 310 12.85 34.84 0.14
CA VAL A 310 12.58 33.51 0.69
C VAL A 310 11.74 33.57 1.97
N CYS A 311 12.15 34.37 2.93
CA CYS A 311 11.43 34.41 4.20
C CYS A 311 10.10 35.14 4.14
N LYS A 312 10.02 36.21 3.35
CA LYS A 312 8.75 36.91 3.18
C LYS A 312 7.74 35.86 2.71
N ASN A 313 8.15 35.11 1.71
CA ASN A 313 7.27 34.16 1.08
C ASN A 313 6.82 33.02 1.99
N TYR A 314 7.78 32.46 2.73
CA TYR A 314 7.45 31.33 3.58
C TYR A 314 6.53 31.76 4.71
N ALA A 315 6.73 32.95 5.23
CA ALA A 315 5.94 33.42 6.35
C ALA A 315 4.51 33.67 5.91
N GLU A 316 4.35 34.10 4.67
CA GLU A 316 3.06 34.52 4.16
C GLU A 316 2.10 33.31 4.02
N ALA A 317 2.63 32.14 3.68
CA ALA A 317 1.82 30.93 3.68
C ALA A 317 2.74 29.73 3.77
N LYS A 318 3.11 29.36 4.99
CA LYS A 318 4.14 28.36 5.21
C LYS A 318 3.86 27.04 4.48
N ASP A 319 2.72 26.43 4.74
CA ASP A 319 2.47 25.11 4.26
C ASP A 319 2.47 25.04 2.73
N VAL A 320 2.00 26.11 2.08
CA VAL A 320 2.01 26.12 0.61
C VAL A 320 3.43 26.31 0.07
N PHE A 321 4.20 27.21 0.69
CA PHE A 321 5.57 27.41 0.28
C PHE A 321 6.22 26.03 0.35
N LEU A 322 6.07 25.37 1.49
CA LEU A 322 6.60 24.04 1.68
C LEU A 322 6.06 23.05 0.62
N GLY A 323 4.78 23.18 0.27
CA GLY A 323 4.19 22.33 -0.74
C GLY A 323 4.84 22.57 -2.07
N MET A 324 5.03 23.85 -2.40
CA MET A 324 5.68 24.18 -3.65
C MET A 324 7.12 23.63 -3.69
N PHE A 325 7.77 23.58 -2.55
CA PHE A 325 9.13 23.04 -2.49
C PHE A 325 9.14 21.56 -2.70
N LEU A 326 8.31 20.86 -1.91
CA LEU A 326 8.01 19.45 -2.14
C LEU A 326 7.69 19.19 -3.63
N TYR A 327 6.76 19.97 -4.17
CA TYR A 327 6.39 19.87 -5.58
C TYR A 327 7.61 19.98 -6.47
N GLU A 328 8.35 21.09 -6.38
CA GLU A 328 9.45 21.23 -7.28
C GLU A 328 10.49 20.15 -7.04
N TYR A 329 10.73 19.75 -5.80
CA TYR A 329 11.73 18.70 -5.58
C TYR A 329 11.25 17.39 -6.16
N ALA A 330 9.99 17.06 -5.87
CA ALA A 330 9.46 15.74 -6.17
C ALA A 330 9.38 15.53 -7.66
N ARG A 331 8.85 16.51 -8.37
CA ARG A 331 8.75 16.24 -9.80
C ARG A 331 10.11 16.06 -10.47
N ARG A 332 11.17 16.60 -9.87
CA ARG A 332 12.52 16.50 -10.42
C ARG A 332 13.16 15.18 -10.00
N HIS A 333 12.51 14.46 -9.10
CA HIS A 333 13.15 13.29 -8.55
C HIS A 333 12.22 12.12 -8.45
N PRO A 334 11.81 11.57 -9.61
CA PRO A 334 11.00 10.38 -9.51
C PRO A 334 11.88 9.24 -8.95
N ASP A 335 13.18 9.49 -8.82
CA ASP A 335 14.03 8.43 -8.30
C ASP A 335 13.86 8.28 -6.80
N TYR A 336 13.56 9.38 -6.12
CA TYR A 336 13.42 9.31 -4.66
C TYR A 336 12.11 8.62 -4.21
N SER A 337 12.15 8.10 -2.98
CA SER A 337 10.96 7.58 -2.32
C SER A 337 10.21 8.80 -1.81
N VAL A 338 8.91 8.64 -1.58
CA VAL A 338 8.12 9.77 -1.09
C VAL A 338 8.64 10.15 0.27
N VAL A 339 8.95 9.17 1.12
CA VAL A 339 9.37 9.49 2.48
C VAL A 339 10.68 10.23 2.45
N LEU A 340 11.50 9.96 1.44
CA LEU A 340 12.77 10.72 1.32
C LEU A 340 12.49 12.19 1.03
N LEU A 341 11.64 12.41 0.01
CA LEU A 341 11.24 13.76 -0.34
C LEU A 341 10.71 14.41 0.91
N LEU A 342 9.78 13.73 1.58
CA LEU A 342 9.29 14.23 2.85
C LEU A 342 10.44 14.58 3.80
N ARG A 343 11.44 13.71 3.95
CA ARG A 343 12.54 14.04 4.90
C ARG A 343 13.17 15.39 4.48
N LEU A 344 13.45 15.50 3.18
CA LEU A 344 13.95 16.72 2.58
C LEU A 344 13.08 17.93 2.88
N ALA A 345 11.78 17.81 2.81
CA ALA A 345 11.00 19.01 3.05
C ALA A 345 11.02 19.30 4.53
N LYS A 346 11.02 18.25 5.35
CA LYS A 346 11.03 18.45 6.79
C LYS A 346 12.27 19.27 7.13
N THR A 347 13.42 18.83 6.65
CA THR A 347 14.67 19.52 6.87
C THR A 347 14.57 20.98 6.45
N TYR A 348 14.13 21.21 5.22
CA TYR A 348 14.00 22.56 4.70
C TYR A 348 13.18 23.39 5.66
N GLU A 349 12.07 22.80 6.11
CA GLU A 349 11.13 23.47 6.98
C GLU A 349 11.80 23.89 8.27
N THR A 350 12.54 22.96 8.87
CA THR A 350 13.20 23.20 10.15
C THR A 350 14.13 24.39 10.01
N THR A 351 14.98 24.31 8.99
CA THR A 351 15.90 25.38 8.61
C THR A 351 15.23 26.74 8.44
N LEU A 352 14.13 26.81 7.70
CA LEU A 352 13.44 28.10 7.59
C LEU A 352 12.96 28.59 8.97
N GLU A 353 12.47 27.66 9.77
CA GLU A 353 12.04 27.98 11.11
C GLU A 353 13.25 28.48 11.89
N LYS A 354 14.33 27.72 11.83
CA LYS A 354 15.50 28.00 12.67
C LYS A 354 16.17 29.33 12.35
N CYS A 355 15.86 29.94 11.20
CA CYS A 355 16.56 31.18 10.87
C CYS A 355 15.85 32.33 10.16
N CYS A 356 14.63 32.14 9.69
CA CYS A 356 13.90 33.32 9.23
C CYS A 356 13.68 34.29 10.40
N ALA A 357 14.20 33.93 11.58
CA ALA A 357 14.11 34.79 12.76
C ALA A 357 15.49 35.18 13.28
N ALA A 358 16.52 34.87 12.49
CA ALA A 358 17.90 35.18 12.84
C ALA A 358 18.29 36.53 12.26
N ALA A 359 19.47 37.04 12.62
CA ALA A 359 19.89 38.36 12.15
C ALA A 359 20.05 38.39 10.62
N ASP A 360 20.77 37.41 10.07
CA ASP A 360 20.88 37.31 8.63
C ASP A 360 20.28 35.99 8.12
N PRO A 361 19.00 36.03 7.72
CA PRO A 361 18.26 34.86 7.27
C PRO A 361 19.08 34.08 6.25
N HIS A 362 19.47 34.76 5.18
CA HIS A 362 20.25 34.18 4.09
C HIS A 362 21.50 33.46 4.57
N GLU A 363 22.15 34.02 5.59
CA GLU A 363 23.39 33.47 6.08
C GLU A 363 23.19 32.05 6.55
N CYS A 364 22.13 31.81 7.33
CA CYS A 364 21.80 30.44 7.73
C CYS A 364 21.51 29.60 6.50
N TYR A 365 20.43 29.93 5.82
CA TYR A 365 19.88 28.96 4.89
C TYR A 365 20.64 28.81 3.58
N ALA A 366 21.66 29.63 3.37
CA ALA A 366 22.45 29.56 2.14
C ALA A 366 22.91 28.14 1.79
N LYS A 367 23.05 27.29 2.78
CA LYS A 367 23.76 26.04 2.57
C LYS A 367 22.83 24.86 2.71
N VAL A 368 21.53 25.12 2.61
CA VAL A 368 20.55 24.14 3.01
C VAL A 368 20.52 22.85 2.18
N PHE A 369 20.81 22.95 0.88
CA PHE A 369 20.86 21.79 0.00
C PHE A 369 21.95 20.79 0.33
N ASP A 370 22.99 21.26 1.01
CA ASP A 370 24.06 20.40 1.48
C ASP A 370 23.47 19.42 2.48
N GLU A 371 22.43 19.84 3.18
CA GLU A 371 21.81 19.04 4.23
C GLU A 371 21.01 17.89 3.64
N PHE A 372 20.77 17.97 2.34
CA PHE A 372 20.01 16.92 1.69
C PHE A 372 20.90 15.75 1.24
N LYS A 373 22.17 16.02 0.94
CA LYS A 373 23.04 14.93 0.46
C LYS A 373 23.04 13.74 1.42
N PRO A 374 23.34 13.98 2.71
CA PRO A 374 23.36 12.88 3.67
C PRO A 374 22.06 12.11 3.62
N LEU A 375 20.95 12.83 3.49
CA LEU A 375 19.65 12.18 3.56
C LEU A 375 19.35 11.40 2.32
N VAL A 376 19.66 11.95 1.15
CA VAL A 376 19.51 11.21 -0.09
C VAL A 376 20.43 10.01 0.00
N GLU A 377 21.68 10.26 0.39
CA GLU A 377 22.72 9.25 0.38
C GLU A 377 22.39 8.01 1.21
N GLU A 378 21.69 8.21 2.33
CA GLU A 378 21.44 7.12 3.27
C GLU A 378 20.69 5.94 2.59
N PRO A 379 19.43 6.15 2.17
CA PRO A 379 18.70 5.06 1.51
C PRO A 379 19.34 4.60 0.20
N GLN A 380 19.84 5.54 -0.60
CA GLN A 380 20.59 5.22 -1.80
C GLN A 380 21.66 4.15 -1.53
N ASN A 381 22.59 4.42 -0.64
CA ASN A 381 23.60 3.46 -0.29
C ASN A 381 22.97 2.16 0.17
N LEU A 382 21.91 2.29 0.98
CA LEU A 382 21.25 1.15 1.59
C LEU A 382 20.72 0.20 0.55
N ILE A 383 20.18 0.77 -0.51
CA ILE A 383 19.70 0.00 -1.64
C ILE A 383 20.85 -0.65 -2.40
N LYS A 384 21.93 0.08 -2.64
CA LYS A 384 23.09 -0.47 -3.35
C LYS A 384 23.60 -1.74 -2.66
N GLN A 385 23.99 -1.64 -1.40
CA GLN A 385 24.53 -2.80 -0.70
C GLN A 385 23.54 -3.98 -0.69
N ASN A 386 22.26 -3.73 -0.42
CA ASN A 386 21.31 -4.82 -0.31
C ASN A 386 20.98 -5.47 -1.63
N CYS A 387 20.78 -4.64 -2.66
CA CYS A 387 20.57 -5.16 -4.00
C CYS A 387 21.84 -5.83 -4.54
N GLU A 388 23.01 -5.26 -4.21
CA GLU A 388 24.30 -5.91 -4.46
C GLU A 388 24.29 -7.28 -3.79
N LEU A 389 24.00 -7.27 -2.49
CA LEU A 389 24.01 -8.50 -1.70
C LEU A 389 23.00 -9.45 -2.27
N PHE A 390 21.82 -8.93 -2.59
CA PHE A 390 20.81 -9.72 -3.26
C PHE A 390 21.34 -10.32 -4.57
N GLU A 391 22.17 -9.56 -5.30
CA GLU A 391 22.65 -9.97 -6.62
C GLU A 391 23.69 -11.09 -6.55
N GLN A 392 24.52 -11.06 -5.50
CA GLN A 392 25.48 -12.12 -5.23
C GLN A 392 24.78 -13.44 -4.95
N LEU A 393 23.75 -13.39 -4.09
CA LEU A 393 22.98 -14.57 -3.70
C LEU A 393 21.64 -14.53 -4.44
N GLY A 394 20.91 -15.64 -4.50
CA GLY A 394 19.57 -15.58 -5.12
C GLY A 394 18.55 -15.00 -4.16
N GLU A 395 17.27 -15.00 -4.55
CA GLU A 395 16.20 -14.61 -3.61
C GLU A 395 16.26 -15.47 -2.34
N TYR A 396 16.44 -16.77 -2.54
CA TYR A 396 16.47 -17.69 -1.44
C TYR A 396 17.60 -17.31 -0.48
N LYS A 397 18.84 -17.44 -0.93
CA LYS A 397 19.98 -17.12 -0.06
C LYS A 397 19.94 -15.69 0.50
N PHE A 398 19.46 -14.74 -0.28
CA PHE A 398 19.19 -13.41 0.26
C PHE A 398 18.27 -13.41 1.48
N GLN A 399 17.14 -14.11 1.36
CA GLN A 399 16.24 -14.25 2.49
C GLN A 399 17.00 -14.74 3.71
N ASN A 400 17.84 -15.76 3.51
CA ASN A 400 18.62 -16.33 4.60
C ASN A 400 19.59 -15.32 5.21
N ALA A 401 20.18 -14.47 4.38
CA ALA A 401 21.08 -13.44 4.87
C ALA A 401 20.32 -12.53 5.84
N LEU A 402 19.12 -12.12 5.41
CA LEU A 402 18.21 -11.33 6.20
C LEU A 402 17.77 -12.10 7.45
N LEU A 403 17.41 -13.37 7.29
CA LEU A 403 16.96 -14.10 8.47
C LEU A 403 18.03 -13.94 9.54
N VAL A 404 19.28 -14.04 9.10
CA VAL A 404 20.39 -14.00 10.02
C VAL A 404 20.57 -12.59 10.57
N ARG A 405 20.54 -11.60 9.68
CA ARG A 405 20.63 -10.21 10.12
C ARG A 405 19.59 -9.83 11.16
N TYR A 406 18.32 -10.15 10.90
CA TYR A 406 17.28 -9.68 11.82
C TYR A 406 17.16 -10.50 13.10
N THR A 407 17.47 -11.79 13.00
CA THR A 407 17.46 -12.60 14.20
C THR A 407 18.56 -12.15 15.12
N LYS A 408 19.68 -11.72 14.55
CA LYS A 408 20.78 -11.18 15.34
C LYS A 408 20.44 -9.80 15.89
N LYS A 409 19.61 -9.07 15.17
CA LYS A 409 19.22 -7.75 15.63
C LYS A 409 18.15 -7.82 16.71
N VAL A 410 17.10 -8.61 16.50
CA VAL A 410 16.06 -8.72 17.49
C VAL A 410 15.62 -10.16 17.73
N PRO A 411 16.39 -10.89 18.52
CA PRO A 411 16.14 -12.31 18.60
C PRO A 411 14.85 -12.57 19.37
N GLN A 412 14.40 -11.57 20.12
CA GLN A 412 13.25 -11.76 20.96
C GLN A 412 12.03 -11.99 20.11
N VAL A 413 12.06 -11.53 18.87
CA VAL A 413 10.94 -11.70 17.95
C VAL A 413 10.68 -13.19 17.69
N SER A 414 9.41 -13.53 17.45
CA SER A 414 9.05 -14.92 17.27
C SER A 414 9.47 -15.40 15.90
N THR A 415 9.99 -16.61 15.86
CA THR A 415 10.46 -17.22 14.64
C THR A 415 9.45 -17.06 13.49
N PRO A 416 8.20 -17.48 13.68
CA PRO A 416 7.28 -17.23 12.58
C PRO A 416 7.38 -15.82 12.02
N THR A 417 7.50 -14.81 12.89
CA THR A 417 7.50 -13.42 12.40
C THR A 417 8.80 -13.06 11.66
N LEU A 418 9.92 -13.52 12.20
CA LEU A 418 11.21 -13.31 11.56
C LEU A 418 11.21 -13.96 10.19
N VAL A 419 10.64 -15.15 10.11
CA VAL A 419 10.57 -15.87 8.84
C VAL A 419 9.70 -15.15 7.82
N GLU A 420 8.53 -14.70 8.25
CA GLU A 420 7.59 -14.04 7.33
C GLU A 420 8.16 -12.71 6.84
N VAL A 421 8.69 -11.93 7.77
CA VAL A 421 9.24 -10.61 7.40
C VAL A 421 10.45 -10.76 6.49
N SER A 422 11.40 -11.58 6.90
CA SER A 422 12.58 -11.85 6.08
C SER A 422 12.19 -12.43 4.75
N ARG A 423 11.28 -13.39 4.73
CA ARG A 423 10.86 -13.89 3.45
C ARG A 423 10.32 -12.74 2.65
N ASN A 424 9.54 -11.86 3.28
CA ASN A 424 8.89 -10.79 2.51
C ASN A 424 9.89 -9.75 2.09
N LEU A 425 10.78 -9.41 3.03
CA LEU A 425 11.85 -8.47 2.78
C LEU A 425 12.65 -8.95 1.57
N GLY A 426 12.88 -10.25 1.52
CA GLY A 426 13.58 -10.85 0.40
C GLY A 426 12.76 -10.77 -0.86
N LYS A 427 11.47 -11.12 -0.76
CA LYS A 427 10.59 -11.01 -1.89
C LYS A 427 10.74 -9.59 -2.41
N VAL A 428 10.78 -8.62 -1.49
CA VAL A 428 10.88 -7.22 -1.90
C VAL A 428 12.09 -7.00 -2.79
N GLY A 429 13.20 -7.63 -2.42
CA GLY A 429 14.42 -7.55 -3.22
C GLY A 429 14.28 -7.98 -4.68
N SER A 430 13.53 -9.04 -4.94
CA SER A 430 13.40 -9.54 -6.31
C SER A 430 12.47 -8.64 -7.12
N LYS A 431 11.46 -8.09 -6.45
CA LYS A 431 10.52 -7.20 -7.09
C LYS A 431 11.18 -5.87 -7.46
N CYS A 432 12.16 -5.44 -6.68
CA CYS A 432 12.74 -4.10 -6.85
C CYS A 432 14.15 -4.01 -7.46
N CYS A 433 15.03 -4.97 -7.20
CA CYS A 433 16.39 -4.88 -7.73
C CYS A 433 16.49 -5.07 -9.25
N LYS A 434 15.49 -5.75 -9.83
CA LYS A 434 15.36 -5.84 -11.29
C LYS A 434 15.52 -4.45 -11.94
N HIS A 435 14.93 -3.45 -11.31
CA HIS A 435 14.89 -2.07 -11.82
C HIS A 435 16.25 -1.35 -11.67
N PRO A 436 16.49 -0.33 -12.49
CA PRO A 436 17.71 0.46 -12.33
C PRO A 436 17.69 1.44 -11.14
N GLU A 437 18.88 1.95 -10.82
CA GLU A 437 19.10 2.95 -9.77
C GLU A 437 18.19 4.20 -9.88
N ALA A 438 17.32 4.21 -10.88
CA ALA A 438 16.37 5.29 -11.05
C ALA A 438 15.09 4.96 -10.33
N LYS A 439 14.66 3.71 -10.46
CA LYS A 439 13.33 3.29 -10.04
C LYS A 439 13.32 2.53 -8.73
N ARG A 440 14.49 2.34 -8.14
CA ARG A 440 14.63 1.39 -7.04
C ARG A 440 14.10 1.89 -5.72
N MET A 441 14.42 3.12 -5.36
CA MET A 441 14.02 3.60 -4.05
C MET A 441 12.50 3.63 -3.96
N PRO A 442 11.81 4.16 -4.98
CA PRO A 442 10.36 4.24 -4.86
C PRO A 442 9.72 2.86 -4.82
N CYS A 443 10.39 1.86 -5.36
CA CYS A 443 9.77 0.55 -5.42
C CYS A 443 9.95 -0.09 -4.05
N ALA A 444 11.11 0.14 -3.46
CA ALA A 444 11.45 -0.30 -2.12
C ALA A 444 10.47 0.24 -1.09
N GLU A 445 10.29 1.57 -1.05
CA GLU A 445 9.36 2.20 -0.13
C GLU A 445 8.00 1.52 -0.14
N ASP A 446 7.41 1.42 -1.33
CA ASP A 446 6.09 0.85 -1.49
C ASP A 446 6.01 -0.48 -0.77
N TYR A 447 6.88 -1.40 -1.16
CA TYR A 447 6.79 -2.76 -0.67
C TYR A 447 7.22 -2.84 0.77
N LEU A 448 8.21 -2.02 1.11
CA LEU A 448 8.78 -1.97 2.45
C LEU A 448 7.86 -1.45 3.53
N SER A 449 7.06 -0.45 3.22
CA SER A 449 6.22 0.14 4.26
C SER A 449 5.29 -0.92 4.81
N VAL A 450 4.60 -1.61 3.92
CA VAL A 450 3.63 -2.64 4.33
C VAL A 450 4.29 -3.80 5.08
N VAL A 451 5.39 -4.31 4.52
CA VAL A 451 6.11 -5.42 5.13
C VAL A 451 6.50 -4.99 6.52
N LEU A 452 6.89 -3.73 6.63
CA LEU A 452 7.28 -3.16 7.90
C LEU A 452 6.08 -2.98 8.79
N ASN A 453 4.98 -2.48 8.25
CA ASN A 453 3.86 -2.32 9.14
C ASN A 453 3.36 -3.68 9.59
N GLN A 454 3.33 -4.64 8.67
CA GLN A 454 2.88 -6.00 8.95
C GLN A 454 3.63 -6.50 10.18
N LEU A 455 4.93 -6.29 10.18
CA LEU A 455 5.74 -6.59 11.34
C LEU A 455 5.24 -5.81 12.56
N CYS A 456 5.05 -4.50 12.38
CA CYS A 456 4.63 -3.66 13.48
C CYS A 456 3.30 -4.11 14.06
N VAL A 457 2.33 -4.36 13.20
CA VAL A 457 1.04 -4.83 13.68
C VAL A 457 1.28 -6.11 14.47
N LEU A 458 1.87 -7.10 13.81
CA LEU A 458 2.22 -8.32 14.50
C LEU A 458 2.89 -8.01 15.84
N HIS A 459 3.70 -6.95 15.88
CA HIS A 459 4.41 -6.62 17.13
C HIS A 459 3.54 -5.87 18.13
N GLU A 460 2.65 -5.01 17.63
CA GLU A 460 1.71 -4.31 18.49
C GLU A 460 0.98 -5.29 19.42
N LYS A 461 0.30 -6.26 18.82
CA LYS A 461 -0.57 -7.17 19.57
C LYS A 461 0.21 -8.34 20.13
N THR A 462 1.37 -8.04 20.71
CA THR A 462 2.30 -9.07 21.18
C THR A 462 3.68 -8.46 21.48
N PRO A 463 3.71 -7.37 22.27
CA PRO A 463 5.00 -6.72 22.52
C PRO A 463 6.03 -7.73 22.98
N VAL A 464 7.28 -7.51 22.61
CA VAL A 464 8.38 -8.43 22.87
C VAL A 464 9.71 -7.68 22.93
N SER A 465 9.85 -6.61 22.12
CA SER A 465 11.11 -5.83 22.09
C SER A 465 10.95 -4.30 22.24
N ASP A 466 11.75 -3.75 23.14
CA ASP A 466 11.85 -2.31 23.37
C ASP A 466 12.10 -1.52 22.08
N ARG A 467 13.13 -1.92 21.37
CA ARG A 467 13.58 -1.18 20.20
C ARG A 467 12.59 -1.25 19.03
N VAL A 468 11.89 -2.37 18.89
CA VAL A 468 10.93 -2.52 17.81
C VAL A 468 9.72 -1.60 17.92
N THR A 469 9.09 -1.57 19.09
CA THR A 469 7.95 -0.68 19.27
C THR A 469 8.39 0.77 19.26
N LYS A 470 9.61 1.02 19.75
CA LYS A 470 10.20 2.35 19.65
C LYS A 470 10.26 2.77 18.17
N CYS A 471 10.42 1.79 17.29
CA CYS A 471 10.42 2.03 15.86
C CYS A 471 9.02 2.11 15.27
N CYS A 472 8.08 1.38 15.83
CA CYS A 472 6.75 1.29 15.21
C CYS A 472 5.86 2.49 15.54
N THR A 473 6.27 3.26 16.53
CA THR A 473 5.46 4.38 16.98
C THR A 473 6.14 5.68 16.62
N GLU A 474 7.14 5.58 15.75
CA GLU A 474 7.78 6.77 15.19
C GLU A 474 6.98 7.29 14.00
N SER A 475 7.41 8.42 13.43
CA SER A 475 6.75 8.96 12.24
C SER A 475 6.98 8.00 11.08
N LEU A 476 6.04 7.94 10.14
CA LEU A 476 6.19 7.06 8.98
C LEU A 476 7.48 7.39 8.23
N VAL A 477 7.88 8.64 8.36
CA VAL A 477 9.08 9.17 7.74
C VAL A 477 10.33 8.60 8.38
N ASN A 478 10.26 8.24 9.65
CA ASN A 478 11.44 7.75 10.35
C ASN A 478 11.36 6.26 10.65
N ARG A 479 10.20 5.66 10.40
CA ARG A 479 9.98 4.23 10.60
C ARG A 479 11.16 3.39 10.10
N ARG A 480 11.45 3.50 8.81
CA ARG A 480 12.47 2.66 8.22
C ARG A 480 13.89 3.01 8.71
N PRO A 481 14.25 4.33 8.73
CA PRO A 481 15.50 4.76 9.36
C PRO A 481 15.72 4.19 10.75
N CYS A 482 14.70 4.24 11.58
CA CYS A 482 14.76 3.65 12.92
C CYS A 482 15.07 2.17 12.85
N PHE A 483 14.28 1.44 12.07
CA PHE A 483 14.54 0.01 11.86
C PHE A 483 15.96 -0.22 11.37
N SER A 484 16.46 0.67 10.53
CA SER A 484 17.78 0.48 9.98
C SER A 484 18.90 0.79 10.96
N ALA A 485 18.56 1.49 12.04
CA ALA A 485 19.53 1.86 13.09
C ALA A 485 19.71 0.79 14.16
N LEU A 486 18.91 -0.28 14.10
CA LEU A 486 18.97 -1.33 15.11
C LEU A 486 20.32 -2.01 15.10
N GLU A 487 20.89 -2.24 16.28
CA GLU A 487 22.15 -2.98 16.30
C GLU A 487 21.95 -4.46 16.62
N VAL A 488 22.93 -5.27 16.25
CA VAL A 488 22.96 -6.66 16.68
C VAL A 488 22.82 -6.62 18.20
N ASP A 489 21.96 -7.48 18.73
CA ASP A 489 21.78 -7.57 20.17
C ASP A 489 22.86 -8.44 20.81
N GLU A 490 23.91 -7.79 21.32
CA GLU A 490 25.05 -8.48 21.91
C GLU A 490 24.72 -9.03 23.31
N THR A 491 23.61 -8.55 23.87
CA THR A 491 23.23 -8.84 25.26
C THR A 491 22.46 -10.17 25.36
N TYR A 492 21.94 -10.60 24.23
CA TYR A 492 21.03 -11.72 24.15
C TYR A 492 21.69 -13.06 24.40
N VAL A 493 21.10 -13.82 25.33
CA VAL A 493 21.61 -15.14 25.72
C VAL A 493 21.03 -16.27 24.88
N PRO A 494 21.87 -17.24 24.52
CA PRO A 494 21.47 -18.34 23.65
C PRO A 494 20.22 -19.06 24.16
N LYS A 495 19.32 -19.39 23.26
CA LYS A 495 18.19 -20.27 23.57
C LYS A 495 18.74 -21.68 23.79
N GLU A 496 18.04 -22.51 24.56
CA GLU A 496 18.48 -23.88 24.83
C GLU A 496 18.14 -24.83 23.68
N PHE A 497 18.96 -25.87 23.54
CA PHE A 497 19.05 -26.67 22.32
C PHE A 497 17.76 -27.27 21.71
N ASN A 498 16.95 -27.99 22.48
CA ASN A 498 15.77 -28.70 21.91
C ASN A 498 16.03 -29.50 20.61
N ALA A 499 16.13 -30.81 20.72
CA ALA A 499 16.41 -31.69 19.58
C ALA A 499 15.32 -31.65 18.51
N GLU A 500 14.06 -31.75 18.94
CA GLU A 500 12.90 -31.81 18.03
C GLU A 500 12.96 -30.72 16.95
N THR A 501 13.60 -29.61 17.29
CA THR A 501 13.70 -28.44 16.43
C THR A 501 14.79 -28.59 15.36
N PHE A 502 15.68 -29.56 15.56
CA PHE A 502 16.75 -29.79 14.58
C PHE A 502 16.70 -31.19 14.03
N THR A 503 15.53 -31.79 14.16
CA THR A 503 15.31 -33.10 13.62
C THR A 503 14.25 -32.98 12.54
N PHE A 504 14.45 -33.70 11.45
CA PHE A 504 13.60 -33.62 10.26
C PHE A 504 13.18 -35.01 9.84
N HIS A 505 12.16 -35.10 8.98
CA HIS A 505 11.73 -36.40 8.52
C HIS A 505 11.45 -36.35 7.04
N ALA A 506 11.34 -37.53 6.42
CA ALA A 506 11.13 -37.62 4.99
C ALA A 506 10.02 -36.67 4.51
N ASP A 507 9.12 -36.31 5.42
CA ASP A 507 7.97 -35.47 5.09
C ASP A 507 8.33 -34.20 4.33
N ILE A 508 9.53 -33.69 4.57
CA ILE A 508 9.95 -32.45 3.94
C ILE A 508 10.17 -32.61 2.44
N CYS A 509 10.54 -33.81 2.01
CA CYS A 509 10.80 -34.08 0.59
C CYS A 509 9.53 -33.91 -0.23
N THR A 510 8.37 -33.96 0.44
CA THR A 510 7.07 -33.94 -0.25
C THR A 510 6.40 -32.56 -0.24
N LEU A 511 6.93 -31.65 0.58
CA LEU A 511 6.33 -30.34 0.76
C LEU A 511 6.47 -29.47 -0.48
N SER A 512 5.58 -28.50 -0.63
CA SER A 512 5.79 -27.42 -1.60
C SER A 512 7.24 -27.01 -1.47
N GLU A 513 7.88 -26.65 -2.59
CA GLU A 513 9.22 -26.07 -2.53
C GLU A 513 9.20 -24.89 -1.57
N LYS A 514 8.21 -24.02 -1.74
CA LYS A 514 8.04 -22.86 -0.87
C LYS A 514 7.95 -23.33 0.59
N GLU A 515 7.21 -24.40 0.82
CA GLU A 515 6.97 -24.89 2.18
C GLU A 515 8.22 -25.58 2.72
N ARG A 516 9.04 -26.12 1.81
CA ARG A 516 10.32 -26.74 2.17
C ARG A 516 11.28 -25.64 2.66
N GLN A 517 11.52 -24.66 1.79
CA GLN A 517 12.30 -23.49 2.15
C GLN A 517 11.90 -22.95 3.52
N ILE A 518 10.60 -22.72 3.72
CA ILE A 518 10.14 -22.18 5.00
C ILE A 518 10.61 -23.07 6.14
N LYS A 519 10.62 -24.37 5.94
CA LYS A 519 11.02 -25.26 7.01
C LYS A 519 12.52 -25.07 7.30
N LYS A 520 13.32 -24.96 6.25
CA LYS A 520 14.76 -24.73 6.39
C LYS A 520 15.05 -23.37 7.05
N GLN A 521 14.26 -22.37 6.67
CA GLN A 521 14.47 -21.02 7.13
C GLN A 521 14.10 -20.94 8.60
N THR A 522 13.00 -21.59 8.94
CA THR A 522 12.59 -21.76 10.34
C THR A 522 13.70 -22.35 11.21
N ALA A 523 14.40 -23.35 10.69
CA ALA A 523 15.50 -23.97 11.42
C ALA A 523 16.71 -23.01 11.50
N LEU A 524 16.90 -22.23 10.44
CA LEU A 524 17.99 -21.29 10.44
C LEU A 524 17.80 -20.29 11.59
N VAL A 525 16.62 -19.66 11.67
CA VAL A 525 16.36 -18.70 12.75
C VAL A 525 16.61 -19.35 14.10
N GLU A 526 16.01 -20.50 14.31
CA GLU A 526 16.23 -21.26 15.52
C GLU A 526 17.72 -21.48 15.79
N LEU A 527 18.47 -21.76 14.74
CA LEU A 527 19.91 -21.93 14.88
C LEU A 527 20.55 -20.65 15.40
N VAL A 528 20.24 -19.52 14.76
CA VAL A 528 20.84 -18.26 15.21
C VAL A 528 20.45 -17.98 16.66
N LYS A 529 19.21 -18.31 17.01
CA LYS A 529 18.71 -18.07 18.37
C LYS A 529 19.39 -18.95 19.42
N HIS A 530 19.93 -20.09 19.00
CA HIS A 530 20.64 -21.00 19.91
C HIS A 530 22.14 -20.74 19.88
N LYS A 531 22.62 -20.10 18.81
CA LYS A 531 24.03 -19.74 18.73
C LYS A 531 24.18 -18.34 18.14
N PRO A 532 23.71 -17.33 18.88
CA PRO A 532 23.71 -15.93 18.42
C PRO A 532 25.10 -15.39 18.08
N LYS A 533 26.15 -16.08 18.51
CA LYS A 533 27.52 -15.65 18.28
C LYS A 533 28.14 -16.21 16.99
N ALA A 534 27.51 -17.23 16.42
CA ALA A 534 27.96 -17.83 15.17
C ALA A 534 28.32 -16.79 14.11
N THR A 535 29.30 -17.09 13.27
CA THR A 535 29.92 -16.08 12.43
C THR A 535 29.30 -15.85 11.07
N LYS A 536 28.41 -16.72 10.61
CA LYS A 536 27.92 -16.58 9.23
C LYS A 536 28.98 -17.01 8.21
N GLU A 537 30.22 -17.12 8.69
CA GLU A 537 31.23 -18.01 8.18
C GLU A 537 30.94 -19.41 8.76
N GLN A 538 30.60 -19.45 10.04
CA GLN A 538 30.26 -20.69 10.70
C GLN A 538 28.93 -21.20 10.18
N LEU A 539 27.99 -20.26 10.04
CA LEU A 539 26.64 -20.53 9.58
C LEU A 539 26.66 -21.07 8.16
N LYS A 540 27.51 -20.50 7.32
CA LYS A 540 27.71 -21.03 5.98
C LYS A 540 28.03 -22.51 6.08
N ALA A 541 29.16 -22.85 6.69
CA ALA A 541 29.54 -24.26 6.91
C ALA A 541 28.34 -25.15 7.28
N VAL A 542 27.59 -24.73 8.29
CA VAL A 542 26.40 -25.48 8.71
C VAL A 542 25.34 -25.48 7.63
N MET A 543 24.92 -24.29 7.18
CA MET A 543 23.95 -24.19 6.09
C MET A 543 24.36 -25.13 4.95
N ASP A 544 25.65 -25.15 4.64
CA ASP A 544 26.16 -25.98 3.56
C ASP A 544 26.08 -27.47 3.89
N ASP A 545 26.44 -27.83 5.12
CA ASP A 545 26.29 -29.22 5.53
C ASP A 545 24.83 -29.60 5.49
N PHE A 546 23.98 -28.65 5.86
CA PHE A 546 22.55 -28.90 5.93
C PHE A 546 21.89 -29.13 4.58
N ALA A 547 22.23 -28.31 3.59
CA ALA A 547 21.72 -28.53 2.23
C ALA A 547 22.16 -29.89 1.70
N ALA A 548 23.42 -30.24 1.95
CA ALA A 548 23.97 -31.53 1.53
C ALA A 548 23.25 -32.66 2.26
N PHE A 549 22.70 -32.33 3.44
CA PHE A 549 21.96 -33.28 4.27
C PHE A 549 20.59 -33.60 3.68
N VAL A 550 19.86 -32.57 3.30
CA VAL A 550 18.57 -32.70 2.62
C VAL A 550 18.71 -33.16 1.17
N GLU A 551 19.94 -33.22 0.67
CA GLU A 551 20.17 -33.75 -0.66
C GLU A 551 20.42 -35.25 -0.58
N LYS A 552 21.24 -35.65 0.40
CA LYS A 552 21.61 -37.06 0.59
C LYS A 552 20.35 -37.86 0.95
N CYS A 553 19.68 -37.42 2.00
CA CYS A 553 18.35 -37.90 2.29
C CYS A 553 17.42 -37.25 1.27
N CYS A 554 16.25 -37.84 1.03
CA CYS A 554 15.29 -37.35 0.01
C CYS A 554 15.61 -37.78 -1.43
N LYS A 555 16.86 -38.22 -1.64
CA LYS A 555 17.29 -38.93 -2.83
C LYS A 555 17.72 -40.36 -2.47
N ALA A 556 17.65 -40.69 -1.18
CA ALA A 556 18.04 -42.01 -0.69
C ALA A 556 16.84 -42.95 -0.58
N ASP A 557 17.02 -44.21 -1.00
CA ASP A 557 15.93 -45.18 -0.89
C ASP A 557 15.34 -45.14 0.51
N ASP A 558 16.18 -45.33 1.53
CA ASP A 558 15.76 -45.42 2.93
C ASP A 558 15.81 -44.06 3.65
N LYS A 559 14.68 -43.35 3.68
CA LYS A 559 14.66 -41.94 4.12
C LYS A 559 14.50 -41.70 5.63
N GLU A 560 13.59 -42.41 6.29
CA GLU A 560 13.40 -42.24 7.73
C GLU A 560 14.71 -42.43 8.51
N THR A 561 15.48 -43.46 8.13
CA THR A 561 16.76 -43.76 8.75
C THR A 561 17.85 -42.75 8.37
N CYS A 562 17.88 -42.35 7.10
CA CYS A 562 18.83 -41.36 6.62
C CYS A 562 18.69 -40.07 7.43
N PHE A 563 17.50 -39.49 7.40
CA PHE A 563 17.22 -38.28 8.17
C PHE A 563 17.56 -38.42 9.64
N ALA A 564 17.39 -39.62 10.19
CA ALA A 564 17.44 -39.84 11.64
C ALA A 564 18.84 -40.00 12.20
N GLU A 565 19.57 -41.02 11.76
CA GLU A 565 20.91 -41.23 12.27
C GLU A 565 21.94 -40.29 11.62
N GLU A 566 21.64 -39.77 10.43
CA GLU A 566 22.47 -38.70 9.84
C GLU A 566 22.06 -37.30 10.27
N GLY A 567 20.86 -37.19 10.84
CA GLY A 567 20.48 -35.99 11.59
C GLY A 567 21.44 -35.87 12.76
N LYS A 568 21.66 -36.97 13.46
CA LYS A 568 22.69 -37.06 14.51
C LYS A 568 24.04 -36.63 13.99
N LYS A 569 24.44 -37.19 12.85
CA LYS A 569 25.73 -36.85 12.26
C LYS A 569 25.86 -35.34 12.08
N LEU A 570 24.79 -34.72 11.59
CA LEU A 570 24.78 -33.30 11.31
C LEU A 570 24.79 -32.45 12.57
N VAL A 571 23.99 -32.84 13.56
CA VAL A 571 23.88 -32.07 14.78
C VAL A 571 25.22 -32.06 15.51
N ALA A 572 25.66 -33.22 15.97
CA ALA A 572 26.95 -33.32 16.66
C ALA A 572 28.04 -32.60 15.88
N ALA A 573 28.01 -32.71 14.55
CA ALA A 573 28.95 -32.01 13.67
C ALA A 573 28.77 -30.52 13.76
N SER A 574 27.53 -30.08 14.01
CA SER A 574 27.26 -28.65 14.16
C SER A 574 27.39 -28.17 15.61
N GLN A 575 26.94 -28.98 16.57
CA GLN A 575 27.18 -28.71 18.00
C GLN A 575 28.69 -28.54 18.24
N ALA A 576 29.48 -29.48 17.73
CA ALA A 576 30.93 -29.26 17.60
C ALA A 576 31.13 -28.34 16.39
N ALA A 577 32.11 -27.44 16.46
CA ALA A 577 32.30 -26.40 15.45
C ALA A 577 31.53 -25.11 15.75
N LEU A 578 30.64 -25.18 16.74
CA LEU A 578 30.02 -24.00 17.37
C LEU A 578 30.12 -24.04 18.90
N GLY A 579 29.72 -22.94 19.56
CA GLY A 579 29.85 -22.82 21.02
C GLY A 579 31.29 -22.67 21.50
N HIS B 1 -10.46 36.49 -29.99
CA HIS B 1 -11.69 36.48 -29.14
C HIS B 1 -11.75 35.24 -28.25
N MET B 2 -11.79 35.48 -26.94
CA MET B 2 -11.75 34.42 -25.92
C MET B 2 -12.93 33.48 -25.99
N THR B 3 -12.70 32.21 -25.63
CA THR B 3 -13.82 31.32 -25.40
C THR B 3 -14.43 31.67 -24.07
N ILE B 4 -15.66 31.22 -23.85
CA ILE B 4 -16.26 31.41 -22.55
C ILE B 4 -15.33 30.79 -21.50
N ASP B 5 -14.86 29.57 -21.77
CA ASP B 5 -13.88 28.93 -20.86
C ASP B 5 -12.66 29.78 -20.56
N GLN B 6 -12.05 30.37 -21.59
CA GLN B 6 -10.88 31.21 -21.36
C GLN B 6 -11.23 32.45 -20.53
N TRP B 7 -12.42 33.01 -20.78
CA TRP B 7 -12.91 34.18 -20.03
C TRP B 7 -13.09 33.85 -18.57
N LEU B 8 -13.78 32.76 -18.28
CA LEU B 8 -14.00 32.35 -16.89
C LEU B 8 -12.68 32.16 -16.18
N LEU B 9 -11.77 31.40 -16.78
CA LEU B 9 -10.44 31.18 -16.18
C LEU B 9 -9.70 32.49 -15.87
N LYS B 10 -9.72 33.45 -16.81
CA LYS B 10 -8.98 34.69 -16.59
C LYS B 10 -9.60 35.40 -15.39
N ASN B 11 -10.92 35.52 -15.41
CA ASN B 11 -11.64 36.10 -14.30
C ASN B 11 -11.31 35.50 -12.95
N ALA B 12 -11.39 34.17 -12.87
CA ALA B 12 -11.18 33.48 -11.61
C ALA B 12 -9.83 33.84 -11.02
N LYS B 13 -8.83 33.98 -11.88
CA LYS B 13 -7.47 34.37 -11.49
C LYS B 13 -7.37 35.77 -10.91
N GLU B 14 -7.95 36.74 -11.60
CA GLU B 14 -7.99 38.11 -11.07
C GLU B 14 -8.76 38.11 -9.76
N ASP B 15 -9.92 37.48 -9.77
CA ASP B 15 -10.73 37.34 -8.57
C ASP B 15 -9.92 36.80 -7.42
N ALA B 16 -9.25 35.69 -7.66
CA ALA B 16 -8.56 34.97 -6.61
C ALA B 16 -7.38 35.76 -6.10
N ILE B 17 -6.77 36.54 -6.97
CA ILE B 17 -5.58 37.31 -6.61
C ILE B 17 -5.93 38.52 -5.75
N ALA B 18 -7.00 39.21 -6.13
CA ALA B 18 -7.60 40.24 -5.28
C ALA B 18 -7.98 39.64 -3.94
N GLU B 19 -8.65 38.49 -3.96
CA GLU B 19 -9.15 37.91 -2.74
C GLU B 19 -7.99 37.54 -1.81
N LEU B 20 -6.89 37.05 -2.37
CA LEU B 20 -5.66 36.85 -1.62
C LEU B 20 -5.02 38.17 -1.14
N LYS B 21 -5.09 39.20 -1.98
CA LYS B 21 -4.47 40.45 -1.61
C LYS B 21 -5.20 41.01 -0.41
N LYS B 22 -6.52 40.85 -0.40
CA LYS B 22 -7.35 41.34 0.71
C LYS B 22 -7.15 40.55 1.99
N ALA B 23 -6.45 39.43 1.91
CA ALA B 23 -6.19 38.64 3.10
C ALA B 23 -4.79 38.88 3.61
N GLY B 24 -3.95 39.46 2.78
CA GLY B 24 -2.61 39.84 3.23
C GLY B 24 -1.46 39.17 2.51
N ILE B 25 -1.77 38.36 1.50
CA ILE B 25 -0.73 37.84 0.64
C ILE B 25 -0.23 39.00 -0.20
N THR B 26 1.09 39.18 -0.25
CA THR B 26 1.67 40.23 -1.06
C THR B 26 2.53 39.69 -2.19
N SER B 27 2.91 38.41 -2.12
CA SER B 27 3.97 37.90 -3.00
C SER B 27 3.56 37.42 -4.38
N ASP B 28 4.20 38.00 -5.39
CA ASP B 28 4.12 37.51 -6.77
C ASP B 28 4.25 36.00 -6.83
N PHE B 29 5.11 35.45 -6.00
CA PHE B 29 5.30 34.02 -5.91
C PHE B 29 3.98 33.26 -5.84
N TYR B 30 3.04 33.75 -5.04
CA TYR B 30 1.73 33.09 -4.99
C TYR B 30 0.84 33.49 -6.15
N PHE B 31 0.84 34.77 -6.48
CA PHE B 31 0.02 35.24 -7.59
C PHE B 31 0.47 34.58 -8.89
N ASN B 32 1.77 34.45 -9.09
CA ASN B 32 2.28 33.69 -10.23
C ASN B 32 1.65 32.33 -10.29
N ALA B 33 1.50 31.70 -9.13
CA ALA B 33 1.14 30.31 -9.08
C ALA B 33 -0.30 30.22 -9.45
N ILE B 34 -1.12 31.10 -8.85
CA ILE B 34 -2.50 31.27 -9.26
C ILE B 34 -2.52 31.46 -10.77
N ASN B 35 -1.64 32.31 -11.27
CA ASN B 35 -1.65 32.57 -12.70
C ASN B 35 -1.33 31.40 -13.64
N LYS B 36 -0.61 30.40 -13.14
CA LYS B 36 -0.30 29.21 -13.94
C LYS B 36 -1.44 28.15 -13.95
N ALA B 37 -2.44 28.33 -13.10
CA ALA B 37 -3.65 27.45 -13.08
C ALA B 37 -4.33 27.34 -14.43
N LYS B 38 -4.95 26.19 -14.70
CA LYS B 38 -5.58 25.92 -15.99
C LYS B 38 -7.08 25.79 -15.89
N THR B 39 -7.59 25.76 -14.68
CA THR B 39 -8.98 25.43 -14.46
C THR B 39 -9.45 26.37 -13.39
N VAL B 40 -10.73 26.73 -13.39
CA VAL B 40 -11.26 27.57 -12.34
C VAL B 40 -11.15 26.84 -11.01
N GLU B 41 -11.53 25.56 -11.00
CA GLU B 41 -11.38 24.72 -9.83
C GLU B 41 -9.95 24.74 -9.27
N GLU B 42 -8.95 24.69 -10.17
CA GLU B 42 -7.54 24.77 -9.75
C GLU B 42 -7.31 26.14 -9.12
N VAL B 43 -7.83 27.17 -9.77
CA VAL B 43 -7.75 28.51 -9.21
C VAL B 43 -8.27 28.57 -7.79
N ASN B 44 -9.45 28.01 -7.53
CA ASN B 44 -10.05 28.11 -6.18
C ASN B 44 -9.47 27.15 -5.14
N ALA B 45 -9.17 25.91 -5.52
CA ALA B 45 -8.40 25.03 -4.61
C ALA B 45 -7.11 25.72 -4.14
N LEU B 46 -6.37 26.35 -5.04
CA LEU B 46 -5.08 26.87 -4.61
C LEU B 46 -5.29 28.16 -3.83
N LYS B 47 -6.29 28.96 -4.22
CA LYS B 47 -6.62 30.14 -3.41
C LYS B 47 -6.94 29.65 -2.00
N ASN B 48 -7.86 28.70 -1.89
CA ASN B 48 -8.22 28.12 -0.60
C ASN B 48 -7.01 27.69 0.15
N GLU B 49 -6.13 26.96 -0.52
CA GLU B 49 -4.93 26.50 0.14
C GLU B 49 -4.07 27.63 0.63
N ILE B 50 -3.90 28.67 -0.18
CA ILE B 50 -3.07 29.77 0.26
C ILE B 50 -3.69 30.46 1.48
N LEU B 51 -5.01 30.61 1.50
CA LEU B 51 -5.67 31.19 2.68
C LEU B 51 -5.47 30.36 3.94
N LYS B 52 -5.64 29.04 3.88
CA LYS B 52 -5.53 28.23 5.10
C LYS B 52 -4.13 28.35 5.68
N ALA B 53 -3.14 28.37 4.80
CA ALA B 53 -1.73 28.46 5.19
C ALA B 53 -1.32 29.85 5.71
N HIS B 54 -2.03 30.89 5.29
CA HIS B 54 -1.76 32.24 5.80
C HIS B 54 -1.99 32.35 7.32
N ALA B 55 -2.85 31.49 7.85
CA ALA B 55 -2.84 31.17 9.28
C ALA B 55 -1.90 29.97 9.49
#